data_3OMC
#
_entry.id   3OMC
#
_cell.length_a   35.622
_cell.length_b   75.834
_cell.length_c   80.177
_cell.angle_alpha   90.000
_cell.angle_beta   90.370
_cell.angle_gamma   90.000
#
_symmetry.space_group_name_H-M   'P 1 21 1'
#
loop_
_entity.id
_entity.type
_entity.pdbx_description
1 polymer 'Staphylococcal nuclease domain-containing protein 1'
2 polymer 'SYNTHETIC PEPTIDE'
3 non-polymer 'CHLORIDE ION'
4 water water
#
loop_
_entity_poly.entity_id
_entity_poly.type
_entity_poly.pdbx_seq_one_letter_code
_entity_poly.pdbx_strand_id
1 'polypeptide(L)'
;AKQKKEKVWAHYEEQPVEEVMPVLEEKERSASYKPVFVTEITDDLHFYVQDVETGTQLEKLMENMRNDIASHPPVEGSYA
PRRGEFCIAKFVDGEWYRARVEKVESPAKIHVFYIDYGNREVLPSTRLGTLSPAFSTRVLPAQATEYAFAFIQVPQDDDA
RTDAVDSVVRDIQNTQCLLNVEHLSAGCPHVTLQFADSKGDVGLGLVKEGLVMVEVRKEKQFQKVITEYLNAQESAKSAR
LNLWRYGDFRADDADEFGYSR
;
A,B
2 'polypeptide(L)' TG(2MR)ARARA C,D
#
# COMPACT_ATOMS: atom_id res chain seq x y z
N SER A 32 -5.19 28.55 -3.38
CA SER A 32 -3.88 28.39 -4.07
C SER A 32 -3.97 27.31 -5.15
N TYR A 33 -4.01 27.77 -6.40
CA TYR A 33 -4.10 26.85 -7.54
C TYR A 33 -2.72 26.29 -7.89
N LYS A 34 -2.59 24.97 -7.83
CA LYS A 34 -1.33 24.28 -8.13
C LYS A 34 -1.37 23.67 -9.54
N PRO A 35 -0.22 23.69 -10.26
CA PRO A 35 -0.21 23.09 -11.59
C PRO A 35 -0.31 21.56 -11.56
N VAL A 36 -1.22 21.02 -12.35
CA VAL A 36 -1.38 19.57 -12.46
C VAL A 36 -1.48 19.17 -13.93
N PHE A 37 -1.13 17.93 -14.21
CA PHE A 37 -1.32 17.37 -15.54
C PHE A 37 -2.45 16.37 -15.48
N VAL A 38 -3.51 16.61 -16.25
CA VAL A 38 -4.69 15.75 -16.25
C VAL A 38 -4.46 14.56 -17.18
N THR A 39 -4.55 13.35 -16.66
CA THR A 39 -4.20 12.14 -17.41
C THR A 39 -5.41 11.37 -17.95
N GLU A 40 -6.39 11.12 -17.10
CA GLU A 40 -7.53 10.27 -17.46
C GLU A 40 -8.82 10.88 -16.97
N ILE A 41 -9.88 10.75 -17.79
CA ILE A 41 -11.24 11.17 -17.41
C ILE A 41 -12.07 9.91 -17.34
N THR A 42 -12.78 9.73 -16.24
CA THR A 42 -13.58 8.52 -16.09
C THR A 42 -14.98 8.74 -16.66
N ASP A 43 -15.70 7.65 -16.93
CA ASP A 43 -17.05 7.71 -17.47
C ASP A 43 -18.06 8.32 -16.49
N ASP A 44 -17.68 8.46 -15.23
CA ASP A 44 -18.56 9.10 -14.25
C ASP A 44 -18.07 10.52 -13.89
N LEU A 45 -17.29 11.10 -14.81
CA LEU A 45 -16.84 12.48 -14.66
C LEU A 45 -15.92 12.71 -13.45
N HIS A 46 -15.12 11.70 -13.11
CA HIS A 46 -13.98 11.93 -12.25
C HIS A 46 -12.76 12.04 -13.14
N PHE A 47 -11.62 12.38 -12.56
CA PHE A 47 -10.42 12.47 -13.36
C PHE A 47 -9.20 12.29 -12.50
N TYR A 48 -8.11 11.84 -13.13
CA TYR A 48 -6.86 11.66 -12.42
C TYR A 48 -5.89 12.75 -12.86
N VAL A 49 -5.08 13.21 -11.92
CA VAL A 49 -4.03 14.18 -12.21
C VAL A 49 -2.69 13.81 -11.60
N GLN A 50 -1.62 14.31 -12.23
CA GLN A 50 -0.28 14.26 -11.70
C GLN A 50 0.13 15.67 -11.28
N ASP A 51 0.83 15.75 -10.17
CA ASP A 51 1.36 17.02 -9.67
CA ASP A 51 1.35 17.04 -9.70
C ASP A 51 2.56 17.43 -10.55
N VAL A 52 2.50 18.59 -11.19
CA VAL A 52 3.60 19.03 -12.06
C VAL A 52 4.91 19.14 -11.27
N GLU A 53 4.82 19.56 -10.01
CA GLU A 53 6.02 19.79 -9.16
C GLU A 53 6.83 18.53 -8.91
N THR A 54 6.23 17.35 -9.09
CA THR A 54 6.95 16.08 -8.90
C THR A 54 7.14 15.30 -10.20
N GLY A 55 6.82 15.93 -11.33
CA GLY A 55 6.97 15.28 -12.63
C GLY A 55 8.38 14.79 -12.96
N THR A 56 9.40 15.60 -12.64
CA THR A 56 10.77 15.20 -12.94
C THR A 56 11.24 14.07 -12.05
N GLN A 57 10.75 14.04 -10.81
CA GLN A 57 11.02 12.94 -9.88
C GLN A 57 10.44 11.62 -10.41
N LEU A 58 9.19 11.66 -10.88
CA LEU A 58 8.62 10.48 -11.53
C LEU A 58 9.44 10.04 -12.72
N GLU A 59 9.83 10.98 -13.58
CA GLU A 59 10.57 10.60 -14.79
C GLU A 59 11.92 9.95 -14.44
N LYS A 60 12.60 10.51 -13.46
CA LYS A 60 13.85 9.94 -12.95
C LYS A 60 13.63 8.53 -12.40
N LEU A 61 12.59 8.34 -11.59
CA LEU A 61 12.29 7.01 -11.07
C LEU A 61 12.03 6.02 -12.19
N MET A 62 11.28 6.45 -13.20
CA MET A 62 10.95 5.62 -14.34
C MET A 62 12.20 5.27 -15.13
N GLU A 63 13.08 6.23 -15.35
CA GLU A 63 14.35 5.91 -16.04
C GLU A 63 15.19 4.87 -15.26
N ASN A 64 15.32 5.07 -13.96
CA ASN A 64 16.09 4.12 -13.14
C ASN A 64 15.44 2.75 -12.99
N MET A 65 14.11 2.73 -12.83
CA MET A 65 13.40 1.46 -12.79
C MET A 65 13.60 0.67 -14.09
N ARG A 66 13.46 1.36 -15.22
CA ARG A 66 13.56 0.70 -16.52
C ARG A 66 15.00 0.21 -16.81
N ASN A 67 15.98 0.97 -16.35
CA ASN A 67 17.36 0.49 -16.42
C ASN A 67 17.55 -0.80 -15.61
N ASP A 68 16.92 -0.86 -14.43
CA ASP A 68 17.00 -2.04 -13.56
C ASP A 68 16.27 -3.24 -14.17
N ILE A 69 15.13 -2.99 -14.80
CA ILE A 69 14.36 -4.04 -15.50
C ILE A 69 15.17 -4.63 -16.66
N ALA A 70 15.85 -3.77 -17.42
CA ALA A 70 16.70 -4.24 -18.52
C ALA A 70 17.81 -5.20 -18.05
N SER A 71 18.30 -5.04 -16.81
CA SER A 71 19.32 -5.97 -16.28
C SER A 71 18.72 -7.19 -15.58
N HIS A 72 17.46 -7.09 -15.17
CA HIS A 72 16.74 -8.21 -14.56
C HIS A 72 15.43 -8.46 -15.32
N PRO A 73 15.52 -9.05 -16.54
CA PRO A 73 14.32 -9.20 -17.38
C PRO A 73 13.23 -10.04 -16.71
N PRO A 74 11.98 -9.52 -16.69
CA PRO A 74 10.87 -10.24 -16.02
C PRO A 74 10.73 -11.69 -16.46
N VAL A 75 11.02 -11.97 -17.74
CA VAL A 75 10.96 -13.35 -18.28
C VAL A 75 11.79 -14.36 -17.46
N GLU A 76 12.93 -13.90 -16.93
CA GLU A 76 13.82 -14.75 -16.11
C GLU A 76 13.64 -14.52 -14.60
N GLY A 77 12.53 -13.87 -14.21
CA GLY A 77 12.33 -13.43 -12.83
C GLY A 77 11.30 -14.16 -11.97
N SER A 78 10.26 -14.68 -12.61
CA SER A 78 9.16 -15.38 -11.90
C SER A 78 8.52 -14.61 -10.71
N TYR A 79 8.02 -13.40 -11.01
CA TYR A 79 7.03 -12.71 -10.18
C TYR A 79 5.76 -13.56 -10.15
N ALA A 80 5.00 -13.43 -9.07
CA ALA A 80 3.72 -14.15 -8.90
C ALA A 80 2.56 -13.21 -8.51
N PRO A 81 1.73 -12.78 -9.48
CA PRO A 81 0.68 -11.75 -9.25
C PRO A 81 -0.41 -12.12 -8.25
N ARG A 82 -0.72 -11.19 -7.34
CA ARG A 82 -1.80 -11.36 -6.35
C ARG A 82 -2.54 -10.04 -6.14
N ARG A 83 -3.83 -10.11 -5.83
CA ARG A 83 -4.65 -8.92 -5.56
C ARG A 83 -4.03 -8.07 -4.45
N GLY A 84 -3.88 -6.78 -4.75
CA GLY A 84 -3.36 -5.80 -3.81
C GLY A 84 -1.86 -5.64 -3.90
N GLU A 85 -1.21 -6.55 -4.62
CA GLU A 85 0.23 -6.54 -4.74
C GLU A 85 0.63 -5.54 -5.80
N PHE A 86 1.69 -4.78 -5.53
CA PHE A 86 2.27 -3.92 -6.53
C PHE A 86 3.00 -4.76 -7.56
N CYS A 87 3.22 -4.16 -8.73
CA CYS A 87 3.93 -4.86 -9.78
C CYS A 87 4.49 -3.82 -10.73
N ILE A 88 5.25 -4.29 -11.70
CA ILE A 88 5.47 -3.51 -12.91
C ILE A 88 4.58 -4.12 -14.00
N ALA A 89 4.09 -3.26 -14.88
CA ALA A 89 3.24 -3.67 -15.97
C ALA A 89 3.70 -2.97 -17.24
N LYS A 90 3.70 -3.72 -18.35
CA LYS A 90 4.17 -3.20 -19.63
C LYS A 90 2.99 -2.66 -20.41
N PHE A 91 3.00 -1.35 -20.63
CA PHE A 91 1.89 -0.63 -21.26
C PHE A 91 2.00 -0.71 -22.80
N VAL A 92 1.01 -0.14 -23.49
CA VAL A 92 0.89 -0.28 -24.95
C VAL A 92 1.93 0.50 -25.75
N ASP A 93 2.72 1.31 -25.04
CA ASP A 93 3.88 1.96 -25.63
C ASP A 93 5.16 1.13 -25.50
N GLY A 94 5.03 -0.09 -24.98
CA GLY A 94 6.16 -1.00 -24.82
C GLY A 94 7.06 -0.68 -23.64
N GLU A 95 6.63 0.25 -22.79
CA GLU A 95 7.41 0.67 -21.61
C GLU A 95 6.79 0.09 -20.35
N TRP A 96 7.64 -0.22 -19.37
CA TRP A 96 7.19 -0.67 -18.05
C TRP A 96 6.81 0.51 -17.14
N TYR A 97 5.68 0.36 -16.43
CA TYR A 97 5.21 1.35 -15.46
C TYR A 97 4.89 0.69 -14.13
N ARG A 98 4.71 1.51 -13.09
CA ARG A 98 4.28 0.96 -11.78
C ARG A 98 2.80 0.69 -11.79
N ALA A 99 2.37 -0.44 -11.22
CA ALA A 99 0.96 -0.75 -11.19
C ALA A 99 0.60 -1.55 -9.96
N ARG A 100 -0.70 -1.74 -9.76
CA ARG A 100 -1.17 -2.58 -8.69
C ARG A 100 -2.12 -3.59 -9.29
N VAL A 101 -2.01 -4.84 -8.86
CA VAL A 101 -2.91 -5.90 -9.32
C VAL A 101 -4.24 -5.77 -8.61
N GLU A 102 -5.32 -5.64 -9.39
CA GLU A 102 -6.65 -5.48 -8.79
C GLU A 102 -7.48 -6.77 -8.80
N LYS A 103 -7.27 -7.60 -9.82
CA LYS A 103 -8.00 -8.87 -9.96
C LYS A 103 -7.23 -9.80 -10.87
N VAL A 104 -7.09 -11.05 -10.46
CA VAL A 104 -6.58 -12.11 -11.33
C VAL A 104 -7.75 -12.93 -11.87
N GLU A 105 -8.07 -12.73 -13.14
CA GLU A 105 -9.14 -13.47 -13.79
C GLU A 105 -8.61 -14.82 -14.30
N SER A 106 -7.45 -14.79 -14.94
CA SER A 106 -6.83 -15.98 -15.51
C SER A 106 -5.37 -15.63 -15.76
N PRO A 107 -4.55 -16.61 -16.15
CA PRO A 107 -3.16 -16.30 -16.52
C PRO A 107 -3.07 -15.31 -17.68
N ALA A 108 -4.09 -15.30 -18.53
CA ALA A 108 -4.09 -14.41 -19.67
C ALA A 108 -4.74 -13.06 -19.37
N LYS A 109 -5.40 -12.95 -18.21
CA LYS A 109 -6.19 -11.75 -17.89
C LYS A 109 -5.96 -11.28 -16.47
N ILE A 110 -4.91 -10.47 -16.29
CA ILE A 110 -4.67 -9.86 -14.99
C ILE A 110 -5.04 -8.38 -15.09
N HIS A 111 -5.96 -7.97 -14.23
CA HIS A 111 -6.47 -6.60 -14.18
C HIS A 111 -5.52 -5.74 -13.32
N VAL A 112 -4.97 -4.69 -13.92
CA VAL A 112 -4.05 -3.80 -13.18
C VAL A 112 -4.52 -2.34 -13.22
N PHE A 113 -4.01 -1.58 -12.27
CA PHE A 113 -4.24 -0.14 -12.18
C PHE A 113 -2.87 0.54 -12.19
N TYR A 114 -2.64 1.42 -13.18
CA TYR A 114 -1.36 2.13 -13.28
C TYR A 114 -1.35 3.28 -12.30
N ILE A 115 -0.58 3.10 -11.21
CA ILE A 115 -0.68 3.97 -10.03
C ILE A 115 -0.20 5.42 -10.27
N ASP A 116 0.65 5.61 -11.29
CA ASP A 116 1.15 6.94 -11.60
C ASP A 116 0.34 7.67 -12.66
N TYR A 117 -0.62 6.95 -13.28
CA TYR A 117 -1.45 7.54 -14.37
C TYR A 117 -2.95 7.51 -14.16
N GLY A 118 -3.42 6.43 -13.55
CA GLY A 118 -4.84 6.25 -13.27
C GLY A 118 -5.65 5.40 -14.24
N ASN A 119 -5.04 4.93 -15.32
CA ASN A 119 -5.73 4.06 -16.25
C ASN A 119 -5.66 2.61 -15.79
N ARG A 120 -6.64 1.81 -16.23
CA ARG A 120 -6.70 0.39 -15.92
C ARG A 120 -6.59 -0.41 -17.21
N GLU A 121 -6.10 -1.64 -17.08
CA GLU A 121 -5.81 -2.48 -18.22
C GLU A 121 -5.87 -3.94 -17.81
N VAL A 122 -6.30 -4.80 -18.75
CA VAL A 122 -6.26 -6.24 -18.57
C VAL A 122 -5.12 -6.76 -19.41
N LEU A 123 -4.21 -7.49 -18.79
CA LEU A 123 -3.05 -7.93 -19.52
C LEU A 123 -2.62 -9.34 -19.15
N PRO A 124 -1.87 -9.98 -20.04
CA PRO A 124 -1.37 -11.30 -19.72
C PRO A 124 -0.13 -11.25 -18.84
N SER A 125 0.23 -12.41 -18.29
CA SER A 125 1.36 -12.47 -17.38
C SER A 125 2.72 -12.17 -18.02
N THR A 126 2.81 -12.25 -19.35
CA THR A 126 4.02 -11.85 -20.07
C THR A 126 4.30 -10.37 -19.92
N ARG A 127 3.30 -9.58 -19.51
CA ARG A 127 3.45 -8.14 -19.36
C ARG A 127 3.42 -7.68 -17.90
N LEU A 128 3.79 -8.58 -17.01
CA LEU A 128 3.87 -8.28 -15.57
C LEU A 128 5.22 -8.67 -15.00
N GLY A 129 5.67 -7.93 -13.99
CA GLY A 129 6.91 -8.31 -13.28
C GLY A 129 6.88 -7.78 -11.87
N THR A 130 7.94 -8.07 -11.13
CA THR A 130 8.10 -7.58 -9.76
C THR A 130 8.40 -6.09 -9.73
N LEU A 131 7.78 -5.38 -8.79
CA LEU A 131 8.21 -4.01 -8.47
C LEU A 131 9.23 -4.10 -7.35
N SER A 132 10.50 -3.85 -7.71
CA SER A 132 11.60 -3.83 -6.74
C SER A 132 11.39 -2.77 -5.65
N PRO A 133 11.84 -3.05 -4.42
CA PRO A 133 11.68 -2.08 -3.34
C PRO A 133 12.35 -0.73 -3.64
N ALA A 134 13.34 -0.72 -4.53
CA ALA A 134 14.03 0.53 -4.89
C ALA A 134 13.08 1.54 -5.55
N PHE A 135 11.95 1.05 -6.06
CA PHE A 135 11.02 1.88 -6.82
C PHE A 135 9.60 1.87 -6.23
N SER A 136 9.52 1.62 -4.92
CA SER A 136 8.24 1.43 -4.23
C SER A 136 7.53 2.76 -4.00
N THR A 137 6.29 2.70 -3.55
CA THR A 137 5.56 3.92 -3.22
C THR A 137 6.10 4.60 -1.97
N ARG A 138 6.96 3.89 -1.23
CA ARG A 138 7.68 4.51 -0.13
C ARG A 138 8.83 5.39 -0.64
N VAL A 139 9.42 5.00 -1.76
CA VAL A 139 10.46 5.81 -2.41
C VAL A 139 9.87 7.03 -3.12
N LEU A 140 8.77 6.82 -3.84
CA LEU A 140 8.03 7.92 -4.45
C LEU A 140 6.56 7.53 -4.45
N PRO A 141 5.70 8.35 -3.81
CA PRO A 141 4.26 8.04 -3.73
C PRO A 141 3.61 7.84 -5.09
N ALA A 142 2.48 7.11 -5.12
CA ALA A 142 1.70 7.00 -6.37
C ALA A 142 1.45 8.41 -6.88
N GLN A 143 1.69 8.62 -8.17
CA GLN A 143 1.66 9.96 -8.73
C GLN A 143 0.30 10.44 -9.27
N ALA A 144 -0.64 9.52 -9.46
CA ALA A 144 -1.99 9.91 -9.90
C ALA A 144 -2.94 10.02 -8.71
N THR A 145 -3.69 11.11 -8.70
CA THR A 145 -4.73 11.32 -7.68
C THR A 145 -6.06 11.53 -8.37
N GLU A 146 -7.10 10.84 -7.85
CA GLU A 146 -8.45 10.94 -8.38
C GLU A 146 -9.23 12.08 -7.72
N TYR A 147 -9.85 12.92 -8.55
CA TYR A 147 -10.69 14.02 -8.09
C TYR A 147 -12.04 14.06 -8.83
N ALA A 148 -12.97 14.84 -8.30
CA ALA A 148 -14.21 15.17 -8.99
C ALA A 148 -14.36 16.69 -9.02
N PHE A 149 -15.20 17.20 -9.90
CA PHE A 149 -15.47 18.64 -9.92
C PHE A 149 -16.37 19.04 -8.77
N ALA A 150 -15.99 20.11 -8.09
CA ALA A 150 -16.82 20.71 -7.06
C ALA A 150 -17.98 21.48 -7.68
N PHE A 151 -19.11 21.46 -6.98
CA PHE A 151 -20.28 22.31 -7.27
C PHE A 151 -21.06 21.91 -8.54
N ILE A 152 -20.79 20.73 -9.09
CA ILE A 152 -21.58 20.24 -10.23
C ILE A 152 -22.07 18.81 -9.97
N GLN A 153 -23.24 18.51 -10.52
CA GLN A 153 -23.81 17.18 -10.46
C GLN A 153 -23.41 16.40 -11.71
N VAL A 154 -23.04 15.14 -11.53
CA VAL A 154 -22.80 14.29 -12.68
C VAL A 154 -24.18 13.96 -13.27
N PRO A 155 -24.40 14.22 -14.58
CA PRO A 155 -25.73 13.92 -15.15
C PRO A 155 -26.13 12.44 -14.99
N GLN A 156 -27.38 12.19 -14.61
CA GLN A 156 -27.83 10.79 -14.43
C GLN A 156 -28.16 10.13 -15.77
N ASP A 157 -28.68 10.92 -16.71
CA ASP A 157 -28.97 10.41 -18.04
C ASP A 157 -27.67 10.03 -18.79
N ASP A 158 -27.63 8.82 -19.34
CA ASP A 158 -26.42 8.30 -19.98
C ASP A 158 -25.89 9.20 -21.09
N ASP A 159 -26.78 9.65 -21.98
CA ASP A 159 -26.33 10.44 -23.12
C ASP A 159 -25.83 11.81 -22.67
N ALA A 160 -26.53 12.39 -21.70
CA ALA A 160 -26.08 13.68 -21.12
C ALA A 160 -24.75 13.50 -20.42
N ARG A 161 -24.57 12.40 -19.71
CA ARG A 161 -23.31 12.18 -18.99
C ARG A 161 -22.16 12.03 -20.00
N THR A 162 -22.43 11.31 -21.08
CA THR A 162 -21.46 11.13 -22.14
C THR A 162 -21.07 12.46 -22.77
N ASP A 163 -22.06 13.34 -22.99
CA ASP A 163 -21.79 14.65 -23.57
C ASP A 163 -20.83 15.44 -22.67
N ALA A 164 -21.07 15.40 -21.36
CA ALA A 164 -20.24 16.13 -20.39
C ALA A 164 -18.82 15.53 -20.33
N VAL A 165 -18.74 14.20 -20.24
CA VAL A 165 -17.44 13.52 -20.22
C VAL A 165 -16.70 13.84 -21.52
N ASP A 166 -17.39 13.74 -22.66
CA ASP A 166 -16.71 14.01 -23.94
C ASP A 166 -16.17 15.44 -24.00
N SER A 167 -16.92 16.40 -23.48
CA SER A 167 -16.45 17.79 -23.44
C SER A 167 -15.17 17.94 -22.63
N VAL A 168 -15.18 17.34 -21.43
CA VAL A 168 -14.00 17.39 -20.57
C VAL A 168 -12.80 16.67 -21.22
N VAL A 169 -13.02 15.51 -21.85
CA VAL A 169 -11.92 14.77 -22.48
C VAL A 169 -11.28 15.67 -23.57
N ARG A 170 -12.12 16.28 -24.40
CA ARG A 170 -11.65 17.15 -25.49
C ARG A 170 -10.86 18.33 -24.96
N ASP A 171 -11.34 18.93 -23.88
CA ASP A 171 -10.77 20.15 -23.37
C ASP A 171 -9.57 19.99 -22.44
N ILE A 172 -9.55 18.94 -21.63
CA ILE A 172 -8.49 18.86 -20.60
C ILE A 172 -7.70 17.55 -20.57
N GLN A 173 -8.17 16.50 -21.24
CA GLN A 173 -7.39 15.25 -21.15
C GLN A 173 -6.00 15.50 -21.72
N ASN A 174 -4.98 15.04 -20.99
CA ASN A 174 -3.56 15.20 -21.38
C ASN A 174 -3.11 16.62 -21.57
N THR A 175 -3.47 17.48 -20.61
CA THR A 175 -3.06 18.87 -20.61
C THR A 175 -2.72 19.33 -19.20
N GLN A 176 -1.87 20.35 -19.11
CA GLN A 176 -1.63 21.01 -17.84
C GLN A 176 -2.76 21.97 -17.47
N CYS A 177 -3.30 21.81 -16.26
CA CYS A 177 -4.33 22.69 -15.70
C CYS A 177 -3.90 23.18 -14.32
N LEU A 178 -4.70 24.06 -13.72
CA LEU A 178 -4.45 24.56 -12.38
C LEU A 178 -5.57 23.99 -11.50
N LEU A 179 -5.22 23.51 -10.32
CA LEU A 179 -6.18 22.81 -9.46
C LEU A 179 -6.24 23.44 -8.07
N ASN A 180 -7.46 23.54 -7.54
CA ASN A 180 -7.68 23.94 -6.17
C ASN A 180 -8.64 22.98 -5.47
N VAL A 181 -8.19 22.37 -4.39
CA VAL A 181 -9.08 21.48 -3.65
C VAL A 181 -10.12 22.34 -2.91
N GLU A 182 -11.39 22.03 -3.11
CA GLU A 182 -12.48 22.79 -2.49
C GLU A 182 -12.99 22.08 -1.24
N HIS A 183 -13.35 20.81 -1.38
CA HIS A 183 -13.95 20.06 -0.25
C HIS A 183 -13.75 18.55 -0.33
N LEU A 184 -13.74 17.90 0.84
CA LEU A 184 -13.70 16.45 0.91
C LEU A 184 -15.12 15.91 0.77
N SER A 185 -15.25 14.61 0.57
CA SER A 185 -16.56 14.01 0.45
C SER A 185 -16.47 12.59 0.94
N ALA A 186 -17.59 11.88 0.90
CA ALA A 186 -17.64 10.45 1.23
C ALA A 186 -17.01 9.61 0.14
N GLY A 187 -16.46 10.26 -0.87
CA GLY A 187 -15.66 9.62 -1.93
C GLY A 187 -14.40 10.44 -2.12
N CYS A 188 -14.12 10.82 -3.37
CA CYS A 188 -12.91 11.59 -3.74
CA CYS A 188 -12.87 11.56 -3.62
C CYS A 188 -13.03 13.06 -3.36
N PRO A 189 -11.89 13.78 -3.20
CA PRO A 189 -12.02 15.21 -2.97
C PRO A 189 -12.55 15.92 -4.21
N HIS A 190 -13.25 17.03 -3.99
CA HIS A 190 -13.84 17.79 -5.07
C HIS A 190 -13.07 19.08 -5.25
N VAL A 191 -12.78 19.42 -6.50
CA VAL A 191 -11.86 20.50 -6.81
C VAL A 191 -12.43 21.42 -7.89
N THR A 192 -11.82 22.60 -8.02
CA THR A 192 -12.00 23.41 -9.23
C THR A 192 -10.73 23.33 -10.07
N LEU A 193 -10.91 23.33 -11.38
CA LEU A 193 -9.79 23.31 -12.31
C LEU A 193 -9.85 24.58 -13.14
N GLN A 194 -8.70 25.15 -13.45
CA GLN A 194 -8.65 26.24 -14.40
C GLN A 194 -7.80 25.86 -15.61
N PHE A 195 -8.21 26.31 -16.80
CA PHE A 195 -7.39 26.16 -18.00
C PHE A 195 -6.09 26.93 -17.76
N ALA A 196 -4.97 26.38 -18.23
CA ALA A 196 -3.67 27.01 -18.00
C ALA A 196 -3.64 28.41 -18.62
N ASP A 197 -4.12 28.53 -19.85
CA ASP A 197 -4.01 29.79 -20.60
C ASP A 197 -4.99 30.88 -20.12
N SER A 198 -6.27 30.67 -20.40
CA SER A 198 -7.34 31.62 -20.08
C SER A 198 -7.60 31.79 -18.59
N LYS A 199 -7.23 30.76 -17.81
CA LYS A 199 -7.56 30.70 -16.38
C LYS A 199 -9.07 30.50 -16.13
N GLY A 200 -9.81 30.20 -17.20
CA GLY A 200 -11.25 29.94 -17.09
C GLY A 200 -11.48 28.69 -16.25
N ASP A 201 -12.52 28.74 -15.41
CA ASP A 201 -12.92 27.63 -14.54
C ASP A 201 -13.59 26.57 -15.43
N VAL A 202 -13.01 25.38 -15.43
CA VAL A 202 -13.44 24.26 -16.28
C VAL A 202 -14.86 23.78 -15.97
N GLY A 203 -15.11 23.50 -14.70
CA GLY A 203 -16.45 23.11 -14.24
C GLY A 203 -17.49 24.17 -14.56
N LEU A 204 -17.14 25.43 -14.33
CA LEU A 204 -18.06 26.51 -14.60
C LEU A 204 -18.39 26.55 -16.09
N GLY A 205 -17.37 26.29 -16.94
CA GLY A 205 -17.58 26.16 -18.38
C GLY A 205 -18.67 25.15 -18.76
N LEU A 206 -18.66 23.99 -18.08
CA LEU A 206 -19.66 22.95 -18.28
C LEU A 206 -21.06 23.44 -17.92
N VAL A 207 -21.18 24.15 -16.80
CA VAL A 207 -22.45 24.75 -16.40
C VAL A 207 -22.91 25.78 -17.43
N LYS A 208 -22.00 26.66 -17.84
CA LYS A 208 -22.34 27.67 -18.85
C LYS A 208 -22.85 27.07 -20.14
N GLU A 209 -22.29 25.92 -20.53
CA GLU A 209 -22.69 25.21 -21.75
C GLU A 209 -23.96 24.39 -21.57
N GLY A 210 -24.48 24.34 -20.35
CA GLY A 210 -25.66 23.54 -20.04
C GLY A 210 -25.38 22.04 -20.08
N LEU A 211 -24.11 21.66 -19.93
CA LEU A 211 -23.73 20.24 -19.93
C LEU A 211 -23.95 19.55 -18.56
N VAL A 212 -23.91 20.33 -17.50
CA VAL A 212 -24.13 19.80 -16.15
C VAL A 212 -24.99 20.75 -15.33
N MET A 213 -25.64 20.19 -14.31
CA MET A 213 -26.35 20.99 -13.32
C MET A 213 -25.48 21.34 -12.12
N VAL A 214 -25.80 22.44 -11.47
CA VAL A 214 -25.10 22.87 -10.26
C VAL A 214 -25.50 22.01 -9.04
N GLU A 215 -24.50 21.67 -8.24
CA GLU A 215 -24.65 20.97 -6.97
C GLU A 215 -24.46 22.01 -5.86
N VAL A 216 -25.51 22.35 -5.14
CA VAL A 216 -25.36 23.37 -4.11
C VAL A 216 -24.81 22.75 -2.82
N ARG A 217 -24.09 23.57 -2.06
CA ARG A 217 -23.58 23.19 -0.75
C ARG A 217 -23.95 24.28 0.23
N LYS A 218 -23.83 23.98 1.54
CA LYS A 218 -24.21 24.89 2.63
C LYS A 218 -23.07 25.76 3.17
N GLU A 219 -21.80 25.33 3.02
CA GLU A 219 -20.68 26.09 3.58
C GLU A 219 -20.74 27.52 3.10
N LYS A 220 -20.63 28.45 4.02
CA LYS A 220 -20.77 29.86 3.66
C LYS A 220 -19.63 30.32 2.76
N GLN A 221 -18.44 29.74 2.92
CA GLN A 221 -17.29 30.09 2.08
C GLN A 221 -17.45 29.68 0.62
N PHE A 222 -18.46 28.85 0.33
CA PHE A 222 -18.71 28.47 -1.06
C PHE A 222 -19.85 29.27 -1.67
N GLN A 223 -20.46 30.15 -0.89
CA GLN A 223 -21.67 30.81 -1.36
C GLN A 223 -21.47 31.72 -2.59
N LYS A 224 -20.34 32.43 -2.64
CA LYS A 224 -20.08 33.31 -3.78
C LYS A 224 -19.88 32.51 -5.07
N VAL A 225 -19.10 31.44 -4.99
CA VAL A 225 -18.87 30.62 -6.17
C VAL A 225 -20.12 29.84 -6.58
N ILE A 226 -20.87 29.31 -5.62
CA ILE A 226 -22.14 28.65 -5.97
C ILE A 226 -23.13 29.63 -6.63
N THR A 227 -23.18 30.85 -6.09
CA THR A 227 -23.98 31.94 -6.68
C THR A 227 -23.60 32.18 -8.15
N GLU A 228 -22.30 32.23 -8.42
CA GLU A 228 -21.80 32.39 -9.80
C GLU A 228 -22.20 31.20 -10.69
N TYR A 229 -22.05 29.98 -10.16
CA TYR A 229 -22.47 28.79 -10.92
C TYR A 229 -23.98 28.80 -11.18
N LEU A 230 -24.78 29.15 -10.18
CA LEU A 230 -26.24 29.19 -10.42
C LEU A 230 -26.64 30.23 -11.45
N ASN A 231 -25.95 31.36 -11.44
CA ASN A 231 -26.18 32.39 -12.45
C ASN A 231 -25.84 31.88 -13.85
N ALA A 232 -24.73 31.17 -13.97
CA ALA A 232 -24.35 30.61 -15.28
C ALA A 232 -25.38 29.57 -15.73
N GLN A 233 -25.87 28.77 -14.79
CA GLN A 233 -26.88 27.72 -15.07
C GLN A 233 -28.17 28.36 -15.59
N GLU A 234 -28.61 29.43 -14.94
CA GLU A 234 -29.81 30.10 -15.42
C GLU A 234 -29.65 30.69 -16.84
N SER A 235 -28.47 31.24 -17.13
CA SER A 235 -28.18 31.74 -18.47
C SER A 235 -28.14 30.61 -19.50
N ALA A 236 -27.60 29.46 -19.10
CA ALA A 236 -27.58 28.28 -19.97
C ALA A 236 -29.00 27.79 -20.27
N LYS A 237 -29.87 27.89 -19.27
CA LYS A 237 -31.27 27.55 -19.46
C LYS A 237 -31.93 28.52 -20.41
N SER A 238 -31.68 29.81 -20.23
CA SER A 238 -32.28 30.80 -21.13
C SER A 238 -31.79 30.66 -22.57
N ALA A 239 -30.56 30.20 -22.73
CA ALA A 239 -29.93 30.02 -24.04
C ALA A 239 -30.32 28.66 -24.66
N ARG A 240 -31.05 27.87 -23.89
CA ARG A 240 -31.50 26.54 -24.32
C ARG A 240 -30.37 25.64 -24.82
N LEU A 241 -29.33 25.54 -24.00
CA LEU A 241 -28.15 24.74 -24.32
C LEU A 241 -28.15 23.35 -23.70
N ASN A 242 -27.88 22.35 -24.53
CA ASN A 242 -27.62 20.97 -24.09
C ASN A 242 -28.71 20.36 -23.17
N LEU A 243 -28.47 20.22 -21.87
CA LEU A 243 -29.52 19.74 -20.93
C LEU A 243 -30.81 20.50 -21.08
N TRP A 244 -30.70 21.79 -21.40
CA TRP A 244 -31.83 22.70 -21.46
C TRP A 244 -32.32 23.00 -22.88
N ARG A 245 -31.96 22.16 -23.84
CA ARG A 245 -32.32 22.38 -25.26
C ARG A 245 -33.80 22.59 -25.50
N TYR A 246 -34.63 21.84 -24.78
CA TYR A 246 -36.06 21.86 -25.04
C TYR A 246 -36.84 22.64 -24.01
N GLY A 247 -36.13 23.20 -23.04
CA GLY A 247 -36.73 24.00 -21.97
C GLY A 247 -36.33 23.45 -20.62
N ASP A 248 -37.08 23.82 -19.60
CA ASP A 248 -36.86 23.31 -18.26
C ASP A 248 -38.19 22.91 -17.61
N TYR B 33 11.29 5.32 21.02
CA TYR B 33 11.44 4.45 19.81
C TYR B 33 12.83 3.82 19.75
N LYS B 34 12.86 2.48 19.63
CA LYS B 34 14.12 1.73 19.56
C LYS B 34 14.26 0.98 18.22
N PRO B 35 15.49 0.92 17.66
CA PRO B 35 15.68 0.20 16.38
C PRO B 35 15.54 -1.30 16.56
N VAL B 36 14.75 -1.90 15.67
CA VAL B 36 14.51 -3.34 15.67
C VAL B 36 14.60 -3.87 14.24
N PHE B 37 14.91 -5.16 14.11
CA PHE B 37 14.91 -5.80 12.81
C PHE B 37 13.74 -6.79 12.81
N VAL B 38 12.81 -6.60 11.89
CA VAL B 38 11.57 -7.40 11.84
C VAL B 38 11.89 -8.71 11.12
N THR B 39 11.65 -9.83 11.79
CA THR B 39 12.10 -11.12 11.27
C THR B 39 10.99 -12.05 10.77
N GLU B 40 9.78 -11.87 11.28
CA GLU B 40 8.67 -12.79 10.98
C GLU B 40 7.33 -12.10 11.21
N ILE B 41 6.42 -12.23 10.24
CA ILE B 41 5.04 -11.81 10.44
C ILE B 41 4.19 -13.07 10.59
N THR B 42 3.38 -13.13 11.66
CA THR B 42 2.56 -14.32 11.92
C THR B 42 1.20 -14.22 11.20
N ASP B 43 0.55 -15.38 11.06
CA ASP B 43 -0.76 -15.44 10.39
C ASP B 43 -1.88 -14.69 11.10
N ASP B 44 -1.73 -14.45 12.40
CA ASP B 44 -2.69 -13.64 13.14
C ASP B 44 -2.21 -12.19 13.32
N LEU B 45 -1.33 -11.76 12.41
CA LEU B 45 -0.88 -10.36 12.34
C LEU B 45 -0.14 -9.89 13.60
N HIS B 46 0.57 -10.81 14.27
CA HIS B 46 1.59 -10.42 15.21
C HIS B 46 2.90 -10.45 14.43
N PHE B 47 3.98 -10.02 15.07
CA PHE B 47 5.28 -10.08 14.41
C PHE B 47 6.39 -10.22 15.42
N TYR B 48 7.48 -10.82 14.98
CA TYR B 48 8.67 -10.94 15.81
C TYR B 48 9.72 -9.94 15.35
N VAL B 49 10.45 -9.38 16.31
CA VAL B 49 11.62 -8.55 15.99
C VAL B 49 12.84 -8.92 16.83
N GLN B 50 14.00 -8.52 16.31
CA GLN B 50 15.26 -8.58 17.05
C GLN B 50 15.60 -7.16 17.52
N ASP B 51 16.15 -7.05 18.72
CA ASP B 51 16.62 -5.74 19.18
C ASP B 51 17.98 -5.47 18.52
N VAL B 52 18.08 -4.36 17.78
CA VAL B 52 19.33 -4.01 17.09
C VAL B 52 20.52 -3.83 18.07
N GLU B 53 20.22 -3.49 19.32
CA GLU B 53 21.23 -3.33 20.37
C GLU B 53 22.06 -4.60 20.63
N THR B 54 21.46 -5.76 20.42
CA THR B 54 22.22 -7.01 20.60
C THR B 54 22.49 -7.73 19.26
N GLY B 55 22.32 -7.00 18.15
CA GLY B 55 22.49 -7.57 16.81
C GLY B 55 23.88 -8.07 16.47
N THR B 56 24.92 -7.33 16.87
CA THR B 56 26.30 -7.76 16.61
C THR B 56 26.65 -9.02 17.44
N GLN B 57 26.13 -9.10 18.66
CA GLN B 57 26.32 -10.28 19.53
C GLN B 57 25.66 -11.50 18.85
N LEU B 58 24.45 -11.32 18.31
CA LEU B 58 23.79 -12.41 17.59
C LEU B 58 24.57 -12.84 16.33
N GLU B 59 24.97 -11.88 15.52
CA GLU B 59 25.76 -12.18 14.32
C GLU B 59 27.06 -12.91 14.66
N LYS B 60 27.75 -12.47 15.71
CA LYS B 60 28.97 -13.15 16.14
C LYS B 60 28.67 -14.58 16.62
N LEU B 61 27.60 -14.74 17.39
CA LEU B 61 27.24 -16.07 17.87
C LEU B 61 26.98 -16.99 16.68
N MET B 62 26.21 -16.49 15.71
CA MET B 62 25.85 -17.25 14.53
C MET B 62 27.06 -17.70 13.74
N GLU B 63 27.97 -16.78 13.47
CA GLU B 63 29.18 -17.12 12.73
C GLU B 63 30.00 -18.17 13.46
N ASN B 64 30.16 -18.01 14.77
CA ASN B 64 30.95 -18.97 15.54
C ASN B 64 30.27 -20.34 15.63
N MET B 65 28.95 -20.34 15.81
CA MET B 65 28.20 -21.59 15.85
C MET B 65 28.33 -22.30 14.50
N ARG B 66 28.13 -21.57 13.41
CA ARG B 66 28.22 -22.14 12.06
C ARG B 66 29.63 -22.69 11.75
N ASN B 67 30.63 -22.00 12.23
CA ASN B 67 32.00 -22.43 12.09
C ASN B 67 32.26 -23.73 12.86
N ASP B 68 31.69 -23.83 14.06
CA ASP B 68 31.82 -25.02 14.88
C ASP B 68 31.10 -26.24 14.31
N ILE B 69 29.94 -26.01 13.68
CA ILE B 69 29.16 -27.08 13.04
C ILE B 69 29.86 -27.65 11.82
N ALA B 70 30.50 -26.78 11.04
CA ALA B 70 31.29 -27.20 9.88
C ALA B 70 32.41 -28.14 10.32
N SER B 71 33.01 -27.84 11.47
CA SER B 71 34.10 -28.65 12.02
C SER B 71 33.63 -29.87 12.79
N HIS B 72 32.38 -29.85 13.29
CA HIS B 72 31.85 -30.93 14.13
C HIS B 72 30.43 -31.37 13.73
N PRO B 73 30.29 -31.96 12.53
CA PRO B 73 28.96 -32.22 11.94
C PRO B 73 28.16 -33.26 12.72
N PRO B 74 26.82 -33.24 12.57
CA PRO B 74 25.95 -34.23 13.22
C PRO B 74 26.36 -35.69 12.91
N VAL B 75 26.31 -36.54 13.93
CA VAL B 75 26.71 -37.96 13.80
C VAL B 75 25.83 -38.64 12.77
N GLU B 76 26.47 -39.19 11.74
CA GLU B 76 25.77 -39.85 10.62
C GLU B 76 24.74 -38.91 9.97
N GLY B 77 25.00 -37.60 10.04
CA GLY B 77 24.19 -36.61 9.32
C GLY B 77 22.82 -36.35 9.91
N SER B 78 22.64 -36.63 11.20
CA SER B 78 21.34 -36.35 11.85
C SER B 78 21.45 -36.09 13.34
N TYR B 79 20.45 -35.39 13.86
CA TYR B 79 20.28 -35.24 15.31
C TYR B 79 18.79 -35.16 15.62
N ALA B 80 18.34 -35.98 16.56
CA ALA B 80 16.93 -36.00 16.97
C ALA B 80 16.75 -35.42 18.38
N PRO B 81 16.48 -34.12 18.47
CA PRO B 81 16.24 -33.58 19.82
C PRO B 81 14.85 -33.96 20.30
N ARG B 82 14.66 -33.96 21.62
CA ARG B 82 13.35 -34.23 22.23
C ARG B 82 12.54 -32.95 22.34
N ARG B 83 11.23 -33.08 22.60
CA ARG B 83 10.39 -31.93 22.91
C ARG B 83 11.03 -31.04 23.98
N GLY B 84 11.11 -29.74 23.72
CA GLY B 84 11.66 -28.82 24.71
C GLY B 84 13.14 -28.59 24.57
N GLU B 85 13.84 -29.47 23.85
CA GLU B 85 15.27 -29.38 23.71
C GLU B 85 15.63 -28.31 22.67
N PHE B 86 16.66 -27.53 22.98
CA PHE B 86 17.22 -26.57 22.03
C PHE B 86 18.14 -27.29 21.07
N CYS B 87 18.27 -26.76 19.86
CA CYS B 87 19.05 -27.43 18.83
C CYS B 87 19.48 -26.41 17.78
N ILE B 88 20.12 -26.88 16.71
CA ILE B 88 20.24 -26.06 15.52
C ILE B 88 19.44 -26.69 14.40
N ALA B 89 19.00 -25.85 13.46
CA ALA B 89 18.12 -26.31 12.37
C ALA B 89 18.53 -25.60 11.08
N LYS B 90 18.49 -26.37 9.98
CA LYS B 90 18.86 -25.86 8.67
C LYS B 90 17.62 -25.33 7.97
N PHE B 91 17.58 -24.01 7.78
CA PHE B 91 16.43 -23.32 7.20
C PHE B 91 16.46 -23.45 5.66
N VAL B 92 15.46 -22.87 4.98
CA VAL B 92 15.28 -23.07 3.51
C VAL B 92 16.40 -22.43 2.69
N ASP B 93 17.14 -21.51 3.32
CA ASP B 93 18.32 -20.87 2.73
C ASP B 93 19.60 -21.72 2.88
N GLY B 94 19.49 -22.90 3.48
CA GLY B 94 20.61 -23.81 3.63
C GLY B 94 21.55 -23.46 4.79
N GLU B 95 21.14 -22.47 5.59
CA GLU B 95 21.95 -22.02 6.73
C GLU B 95 21.43 -22.58 8.05
N TRP B 96 22.35 -22.76 8.99
CA TRP B 96 22.02 -23.23 10.35
C TRP B 96 21.62 -22.08 11.27
N TYR B 97 20.59 -22.30 12.08
CA TYR B 97 20.09 -21.29 13.01
C TYR B 97 19.75 -21.97 14.33
N ARG B 98 19.67 -21.19 15.41
CA ARG B 98 19.24 -21.75 16.70
C ARG B 98 17.75 -22.07 16.69
N ALA B 99 17.38 -23.19 17.34
CA ALA B 99 15.96 -23.55 17.40
C ALA B 99 15.61 -24.30 18.67
N ARG B 100 14.31 -24.53 18.86
CA ARG B 100 13.82 -25.35 19.95
C ARG B 100 12.70 -26.25 19.44
N VAL B 101 12.71 -27.50 19.89
CA VAL B 101 11.71 -28.44 19.45
C VAL B 101 10.39 -28.25 20.22
N GLU B 102 9.30 -28.07 19.47
CA GLU B 102 7.98 -27.92 20.08
C GLU B 102 7.22 -29.24 20.12
N LYS B 103 7.45 -30.11 19.14
CA LYS B 103 6.70 -31.37 19.04
C LYS B 103 7.46 -32.37 18.19
N VAL B 104 7.52 -33.63 18.61
CA VAL B 104 8.12 -34.66 17.77
C VAL B 104 7.02 -35.60 17.28
N GLU B 105 6.73 -35.57 15.98
CA GLU B 105 5.75 -36.52 15.39
C GLU B 105 6.41 -37.83 15.04
N SER B 106 7.63 -37.74 14.52
CA SER B 106 8.38 -38.88 14.06
C SER B 106 9.79 -38.37 13.79
N PRO B 107 10.76 -39.27 13.54
CA PRO B 107 12.09 -38.77 13.21
C PRO B 107 12.12 -37.86 11.98
N ALA B 108 11.18 -38.04 11.06
CA ALA B 108 11.10 -37.23 9.85
C ALA B 108 10.29 -35.95 10.01
N LYS B 109 9.62 -35.80 11.16
CA LYS B 109 8.68 -34.70 11.35
C LYS B 109 8.84 -34.14 12.75
N ILE B 110 9.88 -33.31 12.89
CA ILE B 110 10.16 -32.65 14.15
C ILE B 110 9.84 -31.16 14.00
N HIS B 111 8.93 -30.67 14.84
CA HIS B 111 8.43 -29.31 14.76
C HIS B 111 9.33 -28.41 15.57
N VAL B 112 9.97 -27.44 14.90
CA VAL B 112 10.92 -26.54 15.58
C VAL B 112 10.43 -25.10 15.48
N PHE B 113 10.95 -24.27 16.39
CA PHE B 113 10.68 -22.84 16.47
C PHE B 113 12.05 -22.16 16.46
N TYR B 114 12.28 -21.25 15.52
CA TYR B 114 13.59 -20.59 15.40
C TYR B 114 13.64 -19.46 16.41
N ILE B 115 14.39 -19.69 17.49
CA ILE B 115 14.29 -18.81 18.67
C ILE B 115 14.76 -17.37 18.43
N ASP B 116 15.60 -17.16 17.43
CA ASP B 116 16.12 -15.82 17.14
C ASP B 116 15.34 -15.11 16.03
N TYR B 117 14.38 -15.81 15.42
CA TYR B 117 13.58 -15.28 14.30
C TYR B 117 12.05 -15.29 14.49
N GLY B 118 11.53 -16.35 15.11
CA GLY B 118 10.08 -16.48 15.38
C GLY B 118 9.28 -17.39 14.46
N ASN B 119 9.91 -17.86 13.37
CA ASN B 119 9.22 -18.75 12.45
C ASN B 119 9.29 -20.21 12.89
N ARG B 120 8.39 -21.03 12.34
CA ARG B 120 8.31 -22.45 12.69
C ARG B 120 8.42 -23.30 11.44
N GLU B 121 8.98 -24.48 11.61
CA GLU B 121 9.17 -25.38 10.48
C GLU B 121 9.06 -26.81 10.95
N VAL B 122 8.59 -27.72 10.08
CA VAL B 122 8.64 -29.15 10.39
C VAL B 122 9.77 -29.77 9.59
N LEU B 123 10.75 -30.34 10.29
CA LEU B 123 12.00 -30.84 9.68
C LEU B 123 12.29 -32.26 10.09
N PRO B 124 13.02 -33.00 9.23
CA PRO B 124 13.56 -34.29 9.67
C PRO B 124 14.83 -34.08 10.48
N SER B 125 15.19 -35.10 11.26
CA SER B 125 16.42 -35.09 12.05
C SER B 125 17.66 -34.87 11.18
N THR B 126 17.56 -35.12 9.88
CA THR B 126 18.70 -34.94 8.99
C THR B 126 18.96 -33.46 8.67
N ARG B 127 18.04 -32.59 9.08
CA ARG B 127 18.24 -31.13 8.98
C ARG B 127 18.34 -30.46 10.35
N LEU B 128 18.74 -31.24 11.34
CA LEU B 128 18.93 -30.73 12.70
C LEU B 128 20.31 -31.10 13.25
N GLY B 129 20.76 -30.36 14.27
CA GLY B 129 22.03 -30.62 14.96
C GLY B 129 21.89 -30.30 16.43
N THR B 130 22.88 -30.67 17.24
CA THR B 130 22.91 -30.28 18.65
C THR B 130 23.27 -28.81 18.77
N LEU B 131 22.67 -28.13 19.74
CA LEU B 131 23.10 -26.78 20.09
C LEU B 131 24.13 -26.89 21.20
N SER B 132 25.38 -26.59 20.86
CA SER B 132 26.47 -26.67 21.83
C SER B 132 26.25 -25.72 23.01
N PRO B 133 26.71 -26.07 24.22
CA PRO B 133 26.54 -25.18 25.36
C PRO B 133 27.16 -23.78 25.16
N ALA B 134 28.15 -23.69 24.26
CA ALA B 134 28.81 -22.41 23.92
C ALA B 134 27.86 -21.40 23.28
N PHE B 135 26.76 -21.90 22.73
CA PHE B 135 25.79 -21.08 22.01
C PHE B 135 24.36 -21.11 22.60
N SER B 136 24.23 -21.52 23.87
CA SER B 136 22.91 -21.70 24.50
C SER B 136 22.22 -20.37 24.80
N THR B 137 20.97 -20.44 25.25
CA THR B 137 20.25 -19.25 25.69
C THR B 137 20.79 -18.68 27.00
N ARG B 138 21.60 -19.44 27.72
CA ARG B 138 22.31 -18.87 28.88
C ARG B 138 23.49 -17.99 28.43
N VAL B 139 24.04 -18.30 27.26
CA VAL B 139 25.12 -17.49 26.68
C VAL B 139 24.54 -16.22 26.01
N LEU B 140 23.49 -16.41 25.21
CA LEU B 140 22.77 -15.29 24.59
C LEU B 140 21.28 -15.66 24.53
N PRO B 141 20.42 -14.88 25.21
CA PRO B 141 18.98 -15.16 25.20
C PRO B 141 18.42 -15.25 23.78
N ALA B 142 17.32 -15.99 23.63
CA ALA B 142 16.55 -15.93 22.39
C ALA B 142 16.32 -14.48 21.96
N GLN B 143 16.60 -14.21 20.68
CA GLN B 143 16.63 -12.81 20.19
C GLN B 143 15.33 -12.31 19.60
N ALA B 144 14.37 -13.21 19.37
CA ALA B 144 13.11 -12.78 18.78
C ALA B 144 12.06 -12.55 19.85
N THR B 145 11.42 -11.38 19.80
CA THR B 145 10.32 -11.04 20.72
C THR B 145 9.06 -10.76 19.93
N GLU B 146 7.93 -11.32 20.39
CA GLU B 146 6.65 -11.19 19.73
C GLU B 146 5.88 -9.94 20.17
N TYR B 147 5.33 -9.23 19.18
CA TYR B 147 4.58 -8.01 19.43
C TYR B 147 3.31 -7.97 18.60
N ALA B 148 2.35 -7.17 19.02
CA ALA B 148 1.16 -6.89 18.20
C ALA B 148 1.09 -5.39 17.91
N PHE B 149 0.39 -5.02 16.84
CA PHE B 149 0.19 -3.60 16.53
C PHE B 149 -0.80 -2.97 17.50
N ALA B 150 -0.43 -1.81 18.05
CA ALA B 150 -1.34 -1.01 18.88
C ALA B 150 -2.44 -0.40 18.04
N PHE B 151 -3.62 -0.27 18.65
CA PHE B 151 -4.73 0.55 18.13
C PHE B 151 -5.44 -0.05 16.91
N ILE B 152 -5.17 -1.31 16.59
CA ILE B 152 -5.80 -1.97 15.44
C ILE B 152 -6.41 -3.32 15.81
N GLN B 153 -7.44 -3.70 15.08
CA GLN B 153 -8.10 -4.99 15.25
C GLN B 153 -7.60 -5.93 14.19
N VAL B 154 -7.29 -7.16 14.58
CA VAL B 154 -6.91 -8.17 13.61
C VAL B 154 -8.18 -8.65 12.91
N PRO B 155 -8.20 -8.59 11.56
CA PRO B 155 -9.37 -9.04 10.80
C PRO B 155 -9.76 -10.49 11.13
N GLN B 156 -11.03 -10.72 11.40
CA GLN B 156 -11.50 -12.08 11.76
C GLN B 156 -11.70 -12.95 10.54
N ASP B 157 -12.09 -12.34 9.42
CA ASP B 157 -12.21 -13.07 8.15
C ASP B 157 -10.84 -13.50 7.67
N ASP B 158 -10.74 -14.76 7.22
CA ASP B 158 -9.44 -15.33 6.88
C ASP B 158 -8.76 -14.68 5.68
N ASP B 159 -9.53 -14.43 4.61
CA ASP B 159 -8.99 -13.78 3.42
C ASP B 159 -8.59 -12.33 3.69
N ALA B 160 -9.39 -11.63 4.49
CA ALA B 160 -9.07 -10.27 4.90
C ALA B 160 -7.77 -10.27 5.73
N ARG B 161 -7.67 -11.19 6.68
CA ARG B 161 -6.44 -11.29 7.48
C ARG B 161 -5.20 -11.59 6.62
N THR B 162 -5.30 -12.49 5.66
CA THR B 162 -4.19 -12.75 4.72
C THR B 162 -3.77 -11.51 3.93
N ASP B 163 -4.75 -10.73 3.47
CA ASP B 163 -4.48 -9.48 2.77
C ASP B 163 -3.62 -8.56 3.64
N ALA B 164 -3.97 -8.47 4.93
CA ALA B 164 -3.24 -7.59 5.86
C ALA B 164 -1.86 -8.13 6.17
N VAL B 165 -1.78 -9.43 6.46
CA VAL B 165 -0.47 -10.11 6.64
C VAL B 165 0.46 -9.88 5.43
N ASP B 166 -0.04 -10.10 4.21
CA ASP B 166 0.75 -9.88 3.01
C ASP B 166 1.31 -8.48 2.84
N SER B 167 0.50 -7.47 3.17
CA SER B 167 0.92 -6.10 3.10
C SER B 167 2.11 -5.87 4.03
N VAL B 168 1.98 -6.36 5.26
CA VAL B 168 3.01 -6.19 6.26
C VAL B 168 4.29 -6.94 5.85
N VAL B 169 4.13 -8.16 5.35
CA VAL B 169 5.29 -8.94 4.89
C VAL B 169 6.06 -8.16 3.84
N ARG B 170 5.34 -7.71 2.81
CA ARG B 170 5.93 -6.92 1.74
C ARG B 170 6.64 -5.67 2.27
N ASP B 171 6.02 -5.00 3.24
CA ASP B 171 6.54 -3.75 3.72
C ASP B 171 7.66 -3.81 4.74
N ILE B 172 7.62 -4.76 5.66
CA ILE B 172 8.59 -4.73 6.76
C ILE B 172 9.38 -6.02 7.05
N GLN B 173 9.00 -7.16 6.47
CA GLN B 173 9.78 -8.36 6.78
C GLN B 173 11.23 -8.19 6.33
N ASN B 174 12.16 -8.57 7.21
CA ASN B 174 13.60 -8.47 6.97
C ASN B 174 14.05 -7.03 6.72
N THR B 175 13.51 -6.11 7.53
CA THR B 175 13.89 -4.70 7.45
C THR B 175 14.01 -4.12 8.86
N GLN B 176 14.83 -3.08 8.98
CA GLN B 176 14.99 -2.36 10.22
C GLN B 176 13.89 -1.32 10.38
N CYS B 177 13.23 -1.34 11.53
CA CYS B 177 12.15 -0.43 11.84
C CYS B 177 12.44 0.20 13.20
N LEU B 178 11.67 1.22 13.53
CA LEU B 178 11.70 1.79 14.87
C LEU B 178 10.46 1.32 15.62
N LEU B 179 10.64 0.90 16.87
CA LEU B 179 9.54 0.35 17.64
C LEU B 179 9.32 1.14 18.91
N ASN B 180 8.06 1.45 19.19
CA ASN B 180 7.68 2.07 20.46
C ASN B 180 6.59 1.28 21.15
N VAL B 181 6.84 0.90 22.40
CA VAL B 181 5.83 0.15 23.15
C VAL B 181 4.77 1.15 23.62
N GLU B 182 3.55 0.96 23.14
CA GLU B 182 2.44 1.86 23.48
C GLU B 182 1.82 1.47 24.81
N HIS B 183 1.42 0.21 24.91
CA HIS B 183 0.94 -0.34 26.16
C HIS B 183 1.24 -1.83 26.26
N LEU B 184 1.38 -2.32 27.49
CA LEU B 184 1.40 -3.77 27.68
C LEU B 184 -0.06 -4.20 27.61
N SER B 185 -0.29 -5.48 27.38
CA SER B 185 -1.64 -6.02 27.44
C SER B 185 -1.58 -7.30 28.27
N ALA B 186 -2.62 -8.14 28.19
CA ALA B 186 -2.62 -9.44 28.87
C ALA B 186 -1.73 -10.44 28.13
N GLY B 187 -1.45 -10.15 26.85
CA GLY B 187 -0.59 -10.99 26.03
C GLY B 187 0.68 -10.28 25.62
N CYS B 188 0.89 -10.14 24.31
CA CYS B 188 2.06 -9.46 23.77
C CYS B 188 1.93 -7.96 23.95
N PRO B 189 3.08 -7.26 24.12
CA PRO B 189 3.01 -5.82 24.18
C PRO B 189 2.44 -5.31 22.86
N HIS B 190 1.66 -4.24 22.94
CA HIS B 190 1.11 -3.58 21.75
C HIS B 190 1.98 -2.37 21.40
N VAL B 191 2.42 -2.30 20.16
CA VAL B 191 3.45 -1.35 19.77
C VAL B 191 3.06 -0.59 18.50
N THR B 192 3.67 0.56 18.28
CA THR B 192 3.66 1.18 16.95
C THR B 192 5.01 0.92 16.31
N LEU B 193 4.99 0.72 15.00
CA LEU B 193 6.22 0.62 14.21
C LEU B 193 6.28 1.78 13.25
N GLN B 194 7.48 2.31 13.06
CA GLN B 194 7.75 3.27 12.03
C GLN B 194 8.81 2.72 11.07
N PHE B 195 8.60 2.96 9.78
CA PHE B 195 9.61 2.67 8.77
C PHE B 195 10.89 3.43 9.13
N ALA B 196 12.04 2.85 8.80
CA ALA B 196 13.32 3.53 9.04
C ALA B 196 13.43 4.83 8.23
N ASP B 197 13.10 4.75 6.93
CA ASP B 197 13.18 5.90 6.03
C ASP B 197 12.12 6.95 6.37
N SER B 198 10.91 6.74 5.86
CA SER B 198 9.81 7.71 5.95
C SER B 198 9.36 8.07 7.38
N LYS B 199 9.71 7.21 8.35
CA LYS B 199 9.24 7.33 9.74
C LYS B 199 7.72 7.17 9.83
N GLY B 200 7.09 6.80 8.71
CA GLY B 200 5.64 6.57 8.63
C GLY B 200 5.19 5.43 9.53
N ASP B 201 4.02 5.59 10.13
CA ASP B 201 3.47 4.64 11.10
C ASP B 201 2.92 3.45 10.30
N VAL B 202 3.47 2.26 10.53
CA VAL B 202 3.13 1.07 9.74
C VAL B 202 1.68 0.63 9.92
N GLY B 203 1.24 0.55 11.18
CA GLY B 203 -0.14 0.19 11.52
C GLY B 203 -1.16 1.18 11.01
N LEU B 204 -0.84 2.48 11.12
CA LEU B 204 -1.66 3.55 10.53
C LEU B 204 -1.85 3.34 9.03
N GLY B 205 -0.78 2.95 8.34
CA GLY B 205 -0.83 2.62 6.91
C GLY B 205 -1.81 1.51 6.58
N LEU B 206 -1.88 0.49 7.43
CA LEU B 206 -2.88 -0.58 7.28
C LEU B 206 -4.30 -0.03 7.42
N VAL B 207 -4.51 0.84 8.41
CA VAL B 207 -5.82 1.45 8.59
C VAL B 207 -6.18 2.29 7.36
N LYS B 208 -5.21 3.08 6.89
CA LYS B 208 -5.41 3.99 5.75
C LYS B 208 -5.79 3.21 4.48
N GLU B 209 -5.23 2.02 4.31
CA GLU B 209 -5.55 1.16 3.15
C GLU B 209 -6.79 0.29 3.36
N GLY B 210 -7.43 0.44 4.52
CA GLY B 210 -8.64 -0.32 4.83
C GLY B 210 -8.40 -1.80 5.07
N LEU B 211 -7.17 -2.15 5.45
CA LEU B 211 -6.81 -3.55 5.65
C LEU B 211 -7.17 -4.04 7.05
N VAL B 212 -7.29 -3.12 7.99
CA VAL B 212 -7.66 -3.43 9.38
C VAL B 212 -8.58 -2.33 9.90
N MET B 213 -9.35 -2.65 10.94
CA MET B 213 -10.18 -1.69 11.66
C MET B 213 -9.47 -1.14 12.88
N VAL B 214 -9.92 0.03 13.36
CA VAL B 214 -9.34 0.68 14.53
C VAL B 214 -9.86 0.05 15.82
N GLU B 215 -8.95 -0.18 16.77
CA GLU B 215 -9.32 -0.50 18.15
C GLU B 215 -9.37 0.83 18.91
N VAL B 216 -10.57 1.26 19.27
CA VAL B 216 -10.74 2.56 19.93
C VAL B 216 -10.35 2.48 21.42
N ARG B 217 -9.10 2.75 21.73
CA ARG B 217 -8.63 2.81 23.13
C ARG B 217 -9.25 4.03 23.83
N LYS B 218 -9.45 3.90 25.15
CA LYS B 218 -10.11 4.95 25.94
C LYS B 218 -9.13 5.81 26.75
N GLU B 219 -7.87 5.39 26.85
CA GLU B 219 -6.89 6.10 27.68
C GLU B 219 -6.57 7.48 27.14
N LYS B 220 -6.56 8.46 28.05
CA LYS B 220 -6.28 9.86 27.71
C LYS B 220 -4.99 10.02 26.90
N GLN B 221 -3.98 9.25 27.27
CA GLN B 221 -2.68 9.28 26.59
C GLN B 221 -2.78 8.87 25.12
N PHE B 222 -3.85 8.16 24.77
CA PHE B 222 -4.03 7.67 23.39
C PHE B 222 -5.05 8.46 22.59
N GLN B 223 -5.69 9.45 23.20
CA GLN B 223 -6.79 10.16 22.53
C GLN B 223 -6.38 10.73 21.16
N LYS B 224 -5.22 11.37 21.09
CA LYS B 224 -4.73 12.00 19.87
C LYS B 224 -4.50 10.97 18.74
N VAL B 225 -3.79 9.90 19.09
CA VAL B 225 -3.48 8.85 18.13
C VAL B 225 -4.75 8.08 17.71
N ILE B 226 -5.68 7.85 18.64
CA ILE B 226 -6.93 7.20 18.27
C ILE B 226 -7.74 8.04 17.27
N THR B 227 -7.80 9.35 17.49
CA THR B 227 -8.49 10.25 16.56
C THR B 227 -7.83 10.18 15.18
N GLU B 228 -6.50 10.21 15.15
CA GLU B 228 -5.77 10.10 13.91
C GLU B 228 -6.13 8.77 13.19
N TYR B 229 -6.15 7.68 13.93
CA TYR B 229 -6.45 6.37 13.33
C TYR B 229 -7.88 6.33 12.79
N LEU B 230 -8.83 6.86 13.56
CA LEU B 230 -10.23 6.90 13.13
C LEU B 230 -10.40 7.79 11.90
N ASN B 231 -9.61 8.86 11.84
CA ASN B 231 -9.64 9.70 10.64
C ASN B 231 -9.17 8.93 9.41
N ALA B 232 -8.06 8.18 9.55
CA ALA B 232 -7.57 7.34 8.45
C ALA B 232 -8.60 6.27 8.06
N GLN B 233 -9.31 5.73 9.05
CA GLN B 233 -10.35 4.74 8.80
C GLN B 233 -11.51 5.36 8.02
N GLU B 234 -11.93 6.55 8.43
CA GLU B 234 -12.93 7.32 7.69
C GLU B 234 -12.56 7.42 6.21
N SER B 235 -11.30 7.81 5.97
CA SER B 235 -10.70 7.91 4.64
C SER B 235 -10.79 6.60 3.83
N ALA B 236 -10.37 5.49 4.45
CA ALA B 236 -10.42 4.19 3.79
C ALA B 236 -11.84 3.75 3.44
N LYS B 237 -12.77 4.01 4.36
CA LYS B 237 -14.21 3.75 4.17
C LYS B 237 -14.74 4.51 2.97
N SER B 238 -14.38 5.80 2.88
CA SER B 238 -14.81 6.64 1.75
C SER B 238 -14.29 6.10 0.41
N ALA B 239 -13.03 5.63 0.41
CA ALA B 239 -12.38 5.12 -0.79
C ALA B 239 -12.74 3.67 -1.08
N ARG B 240 -13.62 3.09 -0.26
CA ARG B 240 -14.16 1.73 -0.50
C ARG B 240 -13.05 0.68 -0.66
N LEU B 241 -12.03 0.78 0.19
CA LEU B 241 -10.85 -0.08 0.08
C LEU B 241 -10.96 -1.31 0.97
N ASN B 242 -10.68 -2.48 0.40
CA ASN B 242 -10.47 -3.71 1.17
C ASN B 242 -11.62 -4.08 2.11
N LEU B 243 -11.45 -3.90 3.41
CA LEU B 243 -12.53 -4.22 4.37
C LEU B 243 -13.82 -3.49 4.03
N TRP B 244 -13.68 -2.33 3.41
CA TRP B 244 -14.81 -1.44 3.18
C TRP B 244 -15.29 -1.49 1.72
N ARG B 245 -14.89 -2.51 0.97
CA ARG B 245 -15.30 -2.62 -0.44
C ARG B 245 -16.81 -2.64 -0.64
N TYR B 246 -17.52 -3.24 0.30
CA TYR B 246 -18.96 -3.45 0.15
C TYR B 246 -19.79 -2.60 1.09
N GLY B 247 -19.13 -1.64 1.72
CA GLY B 247 -19.79 -0.73 2.65
C GLY B 247 -19.42 -1.10 4.06
N ASP B 248 -20.24 -0.67 5.01
CA ASP B 248 -19.97 -0.91 6.42
C ASP B 248 -20.26 -2.35 6.84
N GLY C 2 7.06 10.51 -26.43
CA GLY C 2 6.62 9.39 -25.54
C GLY C 2 5.23 9.65 -24.98
N ALA C 4 2.07 10.83 -23.00
CA ALA C 4 1.65 12.12 -22.42
C ALA C 4 1.72 12.08 -20.90
N ARG C 5 2.37 13.07 -20.34
CA ARG C 5 2.64 13.11 -18.91
C ARG C 5 3.09 14.51 -18.54
N ALA C 6 3.13 14.80 -17.24
CA ALA C 6 3.58 16.09 -16.76
C ALA C 6 4.98 16.41 -17.27
N ARG C 7 5.19 17.69 -17.60
CA ARG C 7 6.50 18.19 -17.96
C ARG C 7 6.92 19.20 -16.90
N ALA C 8 7.59 18.70 -15.87
CA ALA C 8 7.82 19.45 -14.64
C ALA C 8 8.81 20.61 -14.77
#